data_8Q1V
#
_entry.id   8Q1V
#
_cell.length_a   92.669
_cell.length_b   92.669
_cell.length_c   92.669
_cell.angle_alpha   90.000
_cell.angle_beta   90.000
_cell.angle_gamma   90.000
#
_symmetry.space_group_name_H-M   'P 41 3 2'
#
loop_
_entity.id
_entity.type
_entity.pdbx_description
1 polymer 'Putative lipoprotein'
2 non-polymer 'HEME C'
3 non-polymer 'CHLORIDE ION'
4 water water
#
_entity_poly.entity_id   1
_entity_poly.type   'polypeptide(L)'
_entity_poly.pdbx_seq_one_letter_code
;EPVVDTPHPGEALYEAQCASCHGKDGKGGLAGGELLGCDVCGDFSLLALRIEQTMPLGNPEQCDTQCSSQIAGYMLENFA
GLPPTLEHHHHHH
;
_entity_poly.pdbx_strand_id   A
#
# COMPACT_ATOMS: atom_id res chain seq x y z
N PRO A 7 13.83 -10.42 -7.84
CA PRO A 7 12.76 -9.56 -8.38
C PRO A 7 11.60 -9.38 -7.40
N HIS A 8 11.33 -8.14 -7.01
CA HIS A 8 10.30 -7.83 -6.04
C HIS A 8 9.43 -6.72 -6.63
N PRO A 9 8.49 -7.05 -7.54
CA PRO A 9 7.74 -6.01 -8.25
C PRO A 9 6.90 -5.17 -7.30
N GLY A 10 6.34 -5.76 -6.23
CA GLY A 10 5.55 -4.97 -5.30
C GLY A 10 6.39 -3.91 -4.59
N GLU A 11 7.61 -4.28 -4.19
CA GLU A 11 8.52 -3.34 -3.57
C GLU A 11 8.83 -2.22 -4.56
N ALA A 12 9.18 -2.59 -5.79
CA ALA A 12 9.57 -1.61 -6.79
C ALA A 12 8.40 -0.65 -7.08
N LEU A 13 7.18 -1.20 -7.17
CA LEU A 13 6.02 -0.38 -7.47
C LEU A 13 5.71 0.53 -6.28
N TYR A 14 5.85 0.02 -5.07
CA TYR A 14 5.59 0.83 -3.90
C TYR A 14 6.58 1.99 -3.84
N GLU A 15 7.85 1.70 -4.14
CA GLU A 15 8.86 2.76 -4.14
C GLU A 15 8.55 3.81 -5.21
N ALA A 16 8.15 3.37 -6.41
CA ALA A 16 7.89 4.27 -7.54
C ALA A 16 6.64 5.10 -7.34
N GLN A 17 5.60 4.55 -6.69
CA GLN A 17 4.28 5.18 -6.73
C GLN A 17 3.74 5.60 -5.37
N CYS A 18 4.35 5.16 -4.26
CA CYS A 18 3.71 5.31 -2.95
C CYS A 18 4.64 5.90 -1.91
N ALA A 19 5.93 5.54 -1.95
CA ALA A 19 6.86 5.91 -0.90
C ALA A 19 7.03 7.42 -0.79
N SER A 20 6.85 8.15 -1.90
CA SER A 20 6.94 9.60 -1.87
C SER A 20 6.11 10.17 -0.72
N CYS A 21 4.91 9.61 -0.50
CA CYS A 21 4.03 10.05 0.58
C CYS A 21 4.07 9.15 1.80
N HIS A 22 4.14 7.85 1.60
CA HIS A 22 3.93 6.91 2.69
C HIS A 22 5.25 6.43 3.31
N GLY A 23 6.39 6.76 2.68
CA GLY A 23 7.69 6.47 3.25
C GLY A 23 8.17 5.06 2.96
N LYS A 24 9.48 4.86 3.13
CA LYS A 24 10.11 3.58 2.85
C LYS A 24 9.57 2.49 3.78
N ASP A 25 9.14 2.87 4.98
CA ASP A 25 8.67 1.89 5.97
C ASP A 25 7.17 2.06 6.25
N GLY A 26 6.47 2.84 5.44
CA GLY A 26 5.04 2.94 5.58
C GLY A 26 4.56 3.97 6.61
N LYS A 27 5.50 4.68 7.27
CA LYS A 27 5.17 5.63 8.33
C LYS A 27 5.26 7.07 7.83
N GLY A 28 5.41 7.28 6.51
CA GLY A 28 5.45 8.62 5.95
C GLY A 28 4.12 9.35 6.15
N GLY A 29 4.22 10.67 6.40
CA GLY A 29 3.07 11.51 6.61
C GLY A 29 2.90 11.82 8.09
N LEU A 30 1.94 12.71 8.41
CA LEU A 30 1.72 13.13 9.78
C LEU A 30 1.43 11.95 10.68
N ALA A 31 1.90 12.06 11.93
CA ALA A 31 1.39 11.26 13.03
C ALA A 31 1.51 9.76 12.74
N GLY A 32 2.59 9.35 12.06
CA GLY A 32 2.90 7.94 11.89
C GLY A 32 2.33 7.34 10.61
N GLY A 33 1.62 8.14 9.80
CA GLY A 33 1.12 7.71 8.51
C GLY A 33 -0.21 6.98 8.57
N GLU A 34 -0.77 6.75 7.37
CA GLU A 34 -2.11 6.20 7.21
C GLU A 34 -2.13 4.68 7.12
N LEU A 35 -0.96 4.04 7.05
CA LEU A 35 -0.94 2.64 6.69
C LEU A 35 -1.06 1.78 7.94
N LEU A 36 -0.22 1.99 8.97
CA LEU A 36 -0.17 0.97 10.02
C LEU A 36 -1.49 1.01 10.80
N GLY A 37 -2.15 -0.16 10.83
CA GLY A 37 -3.41 -0.32 11.54
C GLY A 37 -4.63 0.19 10.76
N CYS A 38 -4.51 0.38 9.45
CA CYS A 38 -5.64 0.90 8.69
C CYS A 38 -6.82 -0.08 8.68
N ASP A 39 -8.00 0.50 8.44
CA ASP A 39 -9.26 -0.24 8.51
C ASP A 39 -9.21 -1.57 7.76
N VAL A 40 -8.75 -1.54 6.51
CA VAL A 40 -8.78 -2.69 5.61
C VAL A 40 -7.45 -3.45 5.62
N CYS A 41 -6.51 -3.03 6.47
CA CYS A 41 -5.14 -3.51 6.41
C CYS A 41 -4.96 -4.91 6.98
N GLY A 42 -6.03 -5.51 7.48
CA GLY A 42 -5.99 -6.91 7.92
C GLY A 42 -6.44 -7.88 6.84
N ASP A 43 -7.03 -7.39 5.75
CA ASP A 43 -7.60 -8.25 4.72
C ASP A 43 -6.93 -7.91 3.40
N PHE A 44 -6.11 -8.83 2.90
CA PHE A 44 -5.38 -8.62 1.66
C PHE A 44 -6.27 -8.06 0.55
N SER A 45 -7.41 -8.69 0.29
CA SER A 45 -8.21 -8.29 -0.85
C SER A 45 -8.82 -6.90 -0.66
N LEU A 46 -9.15 -6.53 0.58
CA LEU A 46 -9.75 -5.22 0.81
C LEU A 46 -8.68 -4.13 0.79
N LEU A 47 -7.46 -4.44 1.26
CA LEU A 47 -6.35 -3.51 1.14
C LEU A 47 -6.05 -3.26 -0.35
N ALA A 48 -5.93 -4.34 -1.12
CA ALA A 48 -5.68 -4.20 -2.55
C ALA A 48 -6.81 -3.43 -3.23
N LEU A 49 -8.07 -3.71 -2.85
CA LEU A 49 -9.20 -3.00 -3.45
C LEU A 49 -9.12 -1.50 -3.15
N ARG A 50 -8.84 -1.15 -1.89
CA ARG A 50 -8.76 0.27 -1.54
C ARG A 50 -7.64 0.96 -2.32
N ILE A 51 -6.49 0.29 -2.46
CA ILE A 51 -5.40 0.84 -3.26
C ILE A 51 -5.88 1.03 -4.70
N GLU A 52 -6.49 0.00 -5.29
CA GLU A 52 -6.95 0.10 -6.66
CA GLU A 52 -7.02 0.05 -6.65
C GLU A 52 -7.91 1.28 -6.84
N GLN A 53 -8.80 1.50 -5.87
CA GLN A 53 -9.86 2.49 -6.01
C GLN A 53 -9.39 3.92 -5.74
N THR A 54 -8.35 4.10 -4.91
CA THR A 54 -8.09 5.42 -4.37
C THR A 54 -6.62 5.86 -4.41
N MET A 55 -5.68 4.95 -4.73
CA MET A 55 -4.28 5.33 -4.61
C MET A 55 -3.52 4.98 -5.89
N PRO A 56 -2.46 5.73 -6.28
CA PRO A 56 -2.00 6.92 -5.58
C PRO A 56 -3.05 8.04 -5.57
N LEU A 57 -2.97 8.88 -4.55
CA LEU A 57 -3.97 9.90 -4.29
C LEU A 57 -4.26 10.72 -5.54
N GLY A 58 -5.54 10.74 -5.93
CA GLY A 58 -5.99 11.55 -7.04
C GLY A 58 -5.72 10.95 -8.43
N ASN A 59 -4.99 9.84 -8.50
CA ASN A 59 -4.67 9.23 -9.79
C ASN A 59 -4.54 7.71 -9.66
N PRO A 60 -5.59 7.00 -9.23
CA PRO A 60 -5.45 5.55 -9.01
C PRO A 60 -5.13 4.75 -10.28
N GLU A 61 -5.45 5.28 -11.48
CA GLU A 61 -5.14 4.52 -12.70
C GLU A 61 -3.64 4.33 -12.94
N GLN A 62 -2.77 5.06 -12.22
CA GLN A 62 -1.32 4.91 -12.38
C GLN A 62 -0.87 3.49 -12.03
N CYS A 63 -1.66 2.84 -11.17
CA CYS A 63 -1.33 1.52 -10.63
C CYS A 63 -2.43 0.54 -11.07
N ASP A 64 -2.13 -0.40 -11.99
CA ASP A 64 -3.20 -1.31 -12.46
C ASP A 64 -3.59 -2.32 -11.36
N THR A 65 -4.57 -3.20 -11.64
CA THR A 65 -5.09 -4.13 -10.64
C THR A 65 -3.96 -5.00 -10.09
N GLN A 66 -3.11 -5.47 -11.02
CA GLN A 66 -1.99 -6.31 -10.65
C GLN A 66 -1.06 -5.50 -9.75
N CYS A 67 -0.81 -4.23 -10.12
CA CYS A 67 0.03 -3.36 -9.31
C CYS A 67 -0.52 -3.29 -7.89
N SER A 68 -1.83 -3.07 -7.74
CA SER A 68 -2.43 -2.90 -6.44
CA SER A 68 -2.49 -2.92 -6.44
C SER A 68 -2.28 -4.16 -5.59
N SER A 69 -2.44 -5.33 -6.21
CA SER A 69 -2.28 -6.62 -5.55
CA SER A 69 -2.28 -6.62 -5.56
C SER A 69 -0.84 -6.82 -5.10
N GLN A 70 0.10 -6.51 -5.99
CA GLN A 70 1.51 -6.71 -5.69
C GLN A 70 1.94 -5.78 -4.55
N ILE A 71 1.48 -4.53 -4.58
CA ILE A 71 1.84 -3.60 -3.51
C ILE A 71 1.21 -4.04 -2.19
N ALA A 72 -0.07 -4.44 -2.20
CA ALA A 72 -0.71 -4.89 -0.97
C ALA A 72 0.09 -6.05 -0.38
N GLY A 73 0.53 -7.01 -1.21
CA GLY A 73 1.33 -8.13 -0.74
C GLY A 73 2.65 -7.67 -0.14
N TYR A 74 3.32 -6.75 -0.84
CA TYR A 74 4.58 -6.22 -0.37
C TYR A 74 4.40 -5.61 1.02
N MET A 75 3.39 -4.75 1.17
CA MET A 75 3.22 -4.04 2.43
CA MET A 75 3.13 -4.04 2.41
C MET A 75 2.86 -5.03 3.54
N LEU A 76 1.95 -5.99 3.30
CA LEU A 76 1.60 -6.95 4.35
C LEU A 76 2.79 -7.83 4.73
N GLU A 77 3.68 -8.09 3.78
CA GLU A 77 4.83 -8.96 4.01
C GLU A 77 6.00 -8.23 4.65
N ASN A 78 6.02 -6.89 4.59
CA ASN A 78 7.24 -6.18 4.97
C ASN A 78 7.04 -5.08 6.01
N PHE A 79 5.81 -4.60 6.22
CA PHE A 79 5.56 -3.55 7.19
C PHE A 79 4.98 -4.14 8.47
N ALA A 80 5.81 -4.25 9.53
CA ALA A 80 5.35 -4.78 10.80
C ALA A 80 4.25 -3.88 11.36
N GLY A 81 3.18 -4.49 11.86
CA GLY A 81 2.10 -3.75 12.50
C GLY A 81 1.09 -3.17 11.50
N LEU A 82 1.18 -3.56 10.22
CA LEU A 82 0.21 -3.07 9.26
C LEU A 82 -1.20 -3.49 9.68
N PRO A 83 -1.52 -4.75 10.05
CA PRO A 83 -2.89 -5.07 10.38
C PRO A 83 -3.39 -4.37 11.63
N PRO A 84 -4.69 -4.02 11.68
CA PRO A 84 -5.28 -3.44 12.88
C PRO A 84 -5.28 -4.47 14.01
N THR A 85 -5.09 -3.98 15.25
CA THR A 85 -4.98 -4.80 16.45
C THR A 85 -6.34 -4.92 17.12
#